data_1EX4
#
_entry.id   1EX4
#
_cell.length_a   103.990
_cell.length_b   103.990
_cell.length_c   101.380
_cell.angle_alpha   90.00
_cell.angle_beta   90.00
_cell.angle_gamma   120.00
#
_symmetry.space_group_name_H-M   'P 3 1 2'
#
loop_
_entity.id
_entity.type
_entity.pdbx_description
1 polymer INTEGRASE
2 non-polymer 3-[(3-CHOLAMIDOPROPYL)DIMETHYLAMMONIO]-1-PROPANESULFONATE
3 water water
#
_entity_poly.entity_id   1
_entity_poly.type   'polypeptide(L)'
_entity_poly.pdbx_seq_one_letter_code
;GSGQVDSSPGIWQLDCTHLEGKVILVAVHVASGYIEAEVIPAETGQETAYFLLKLAGRWPVKTIHTDNGSNFTGATVRAA
CDWAGIKQEDGIPYNPQSQGVVESMNKELKKIIGQVRDQAEHLKTAVQMAVFIHNKKRKGGIGGYSAGERIVDIIATDIQ
TKELQKQITKIQNFRVYYRDSRNSLWKGPAKLLWKGEGAVVIQDNSDIKVVPRRKAKIIRDYGKQMAGDDSVASRQDED
;
_entity_poly.pdbx_strand_id   A,B
#
# COMPACT_ATOMS: atom_id res chain seq x y z
N SER A 7 -5.76 -12.71 -9.83
CA SER A 7 -4.75 -11.99 -9.01
C SER A 7 -5.40 -11.14 -7.93
N SER A 8 -5.52 -11.68 -6.72
CA SER A 8 -6.14 -10.96 -5.61
C SER A 8 -5.49 -9.60 -5.33
N PRO A 9 -4.20 -9.42 -5.68
CA PRO A 9 -3.55 -8.13 -5.46
C PRO A 9 -3.82 -7.08 -6.54
N GLY A 10 -4.88 -7.27 -7.32
CA GLY A 10 -5.20 -6.32 -8.37
C GLY A 10 -6.69 -6.20 -8.58
N ILE A 11 -7.44 -6.86 -7.71
CA ILE A 11 -8.89 -6.85 -7.76
C ILE A 11 -9.51 -5.65 -7.06
N TRP A 12 -10.41 -4.96 -7.76
CA TRP A 12 -11.11 -3.79 -7.23
C TRP A 12 -12.60 -3.83 -7.59
N GLN A 13 -13.45 -3.57 -6.61
CA GLN A 13 -14.90 -3.53 -6.81
C GLN A 13 -15.35 -2.07 -6.79
N LEU A 14 -16.09 -1.64 -7.82
CA LEU A 14 -16.55 -0.26 -7.89
C LEU A 14 -18.06 -0.18 -7.81
N ASP A 15 -18.58 0.66 -6.91
CA ASP A 15 -20.01 0.81 -6.72
C ASP A 15 -20.45 2.25 -6.43
N CYS A 16 -21.62 2.61 -6.93
CA CYS A 16 -22.18 3.95 -6.71
C CYS A 16 -23.34 3.85 -5.72
N THR A 17 -23.33 4.74 -4.74
CA THR A 17 -24.38 4.79 -3.74
C THR A 17 -24.89 6.22 -3.71
N HIS A 18 -26.05 6.41 -3.10
CA HIS A 18 -26.66 7.73 -3.04
C HIS A 18 -26.88 8.15 -1.59
N LEU A 19 -26.52 9.39 -1.29
CA LEU A 19 -26.66 9.90 0.07
C LEU A 19 -27.20 11.32 0.17
N GLU A 20 -28.26 11.46 0.96
CA GLU A 20 -28.93 12.74 1.23
C GLU A 20 -28.97 13.76 0.09
N GLY A 21 -28.74 13.31 -1.14
CA GLY A 21 -28.77 14.23 -2.25
C GLY A 21 -28.30 13.60 -3.53
N LYS A 22 -26.98 13.49 -3.72
CA LYS A 22 -26.49 12.89 -4.94
C LYS A 22 -25.70 11.60 -4.79
N VAL A 23 -24.94 11.23 -5.82
CA VAL A 23 -24.17 9.99 -5.82
C VAL A 23 -22.69 10.15 -5.54
N ILE A 24 -22.03 9.04 -5.23
CA ILE A 24 -20.61 9.02 -4.93
C ILE A 24 -19.96 7.71 -5.40
N LEU A 25 -18.76 7.80 -5.96
CA LEU A 25 -18.02 6.63 -6.42
C LEU A 25 -17.25 6.01 -5.26
N VAL A 26 -17.30 4.69 -5.15
CA VAL A 26 -16.62 3.98 -4.08
C VAL A 26 -15.81 2.76 -4.55
N ALA A 27 -14.49 2.92 -4.66
CA ALA A 27 -13.61 1.83 -5.09
C ALA A 27 -13.09 1.07 -3.88
N VAL A 28 -13.19 -0.25 -3.91
CA VAL A 28 -12.73 -1.08 -2.80
C VAL A 28 -11.78 -2.19 -3.25
N HIS A 29 -10.61 -2.23 -2.64
CA HIS A 29 -9.58 -3.24 -2.93
C HIS A 29 -9.92 -4.46 -2.08
N VAL A 30 -10.73 -5.33 -2.68
CA VAL A 30 -11.24 -6.55 -2.06
C VAL A 30 -10.33 -7.20 -1.03
N ALA A 31 -9.10 -7.49 -1.42
CA ALA A 31 -8.13 -8.14 -0.55
C ALA A 31 -7.86 -7.48 0.80
N SER A 32 -7.73 -6.15 0.81
CA SER A 32 -7.42 -5.42 2.04
C SER A 32 -8.55 -4.67 2.72
N GLY A 33 -9.53 -4.24 1.93
CA GLY A 33 -10.65 -3.49 2.47
C GLY A 33 -10.43 -2.02 2.16
N TYR A 34 -9.24 -1.70 1.69
CA TYR A 34 -8.87 -0.33 1.34
C TYR A 34 -9.90 0.31 0.42
N ILE A 35 -10.69 1.22 0.98
CA ILE A 35 -11.73 1.95 0.24
C ILE A 35 -11.10 3.17 -0.42
N GLU A 36 -11.91 3.88 -1.20
CA GLU A 36 -11.45 5.08 -1.88
C GLU A 36 -12.64 5.69 -2.63
N ALA A 37 -13.46 6.42 -1.91
CA ALA A 37 -14.65 7.08 -2.46
C ALA A 37 -14.41 8.52 -2.87
N GLU A 38 -15.24 9.01 -3.79
CA GLU A 38 -15.13 10.38 -4.28
C GLU A 38 -16.52 10.81 -4.71
N VAL A 39 -16.90 12.05 -4.38
CA VAL A 39 -18.23 12.55 -4.76
C VAL A 39 -18.25 12.98 -6.22
N ILE A 40 -18.79 12.12 -7.07
CA ILE A 40 -18.89 12.43 -8.50
C ILE A 40 -20.18 13.22 -8.72
N PRO A 41 -20.13 14.30 -9.52
CA PRO A 41 -21.34 15.07 -9.76
C PRO A 41 -22.51 14.18 -10.19
N ALA A 42 -22.49 13.75 -11.45
CA ALA A 42 -23.54 12.89 -11.97
C ALA A 42 -23.12 11.42 -11.88
N GLU A 43 -24.04 10.51 -12.19
CA GLU A 43 -23.75 9.08 -12.15
C GLU A 43 -23.51 8.58 -13.57
N THR A 44 -22.74 9.35 -14.33
CA THR A 44 -22.42 9.03 -15.72
C THR A 44 -21.06 8.35 -15.91
N GLY A 45 -20.93 7.65 -17.04
CA GLY A 45 -19.69 6.96 -17.36
C GLY A 45 -18.63 7.92 -17.87
N GLN A 46 -18.81 9.20 -17.59
CA GLN A 46 -17.87 10.22 -17.99
C GLN A 46 -16.97 10.51 -16.78
N GLU A 47 -17.60 10.55 -15.61
CA GLU A 47 -16.87 10.79 -14.37
C GLU A 47 -16.19 9.49 -13.98
N THR A 48 -16.93 8.39 -14.16
CA THR A 48 -16.43 7.07 -13.84
C THR A 48 -15.10 6.76 -14.52
N ALA A 49 -15.07 6.84 -15.84
CA ALA A 49 -13.84 6.56 -16.57
C ALA A 49 -12.69 7.42 -16.04
N TYR A 50 -13.00 8.61 -15.57
CA TYR A 50 -11.99 9.54 -15.05
C TYR A 50 -11.47 9.12 -13.66
N PHE A 51 -12.41 8.92 -12.73
CA PHE A 51 -12.13 8.50 -11.36
C PHE A 51 -11.33 7.20 -11.39
N LEU A 52 -11.58 6.39 -12.41
CA LEU A 52 -10.90 5.11 -12.58
C LEU A 52 -9.51 5.34 -13.17
N LEU A 53 -9.35 6.45 -13.89
CA LEU A 53 -8.06 6.78 -14.50
C LEU A 53 -7.05 7.22 -13.45
N LYS A 54 -7.55 7.87 -12.40
CA LYS A 54 -6.70 8.36 -11.32
C LYS A 54 -6.40 7.23 -10.33
N LEU A 55 -7.38 6.35 -10.16
CA LEU A 55 -7.23 5.22 -9.26
C LEU A 55 -6.10 4.35 -9.73
N ALA A 56 -6.02 4.17 -11.05
CA ALA A 56 -4.99 3.33 -11.67
C ALA A 56 -3.62 3.95 -11.77
N GLY A 57 -3.54 5.27 -11.63
CA GLY A 57 -2.24 5.91 -11.73
C GLY A 57 -1.51 5.88 -10.40
N ARG A 58 -2.29 5.92 -9.33
CA ARG A 58 -1.75 5.90 -7.98
C ARG A 58 -1.52 4.48 -7.47
N TRP A 59 -2.44 3.59 -7.78
CA TRP A 59 -2.34 2.18 -7.38
C TRP A 59 -2.26 1.31 -8.62
N PRO A 60 -1.89 0.02 -8.44
CA PRO A 60 -1.79 -0.90 -9.57
C PRO A 60 -3.12 -1.65 -9.75
N VAL A 61 -3.91 -1.22 -10.72
CA VAL A 61 -5.20 -1.85 -10.97
C VAL A 61 -5.13 -2.84 -12.14
N LYS A 62 -5.58 -4.06 -11.89
CA LYS A 62 -5.57 -5.13 -12.88
C LYS A 62 -6.98 -5.55 -13.28
N THR A 63 -7.82 -5.87 -12.29
CA THR A 63 -9.19 -6.30 -12.54
C THR A 63 -10.22 -5.45 -11.81
N ILE A 64 -11.33 -5.20 -12.49
CA ILE A 64 -12.44 -4.42 -11.94
C ILE A 64 -13.65 -5.32 -11.78
N HIS A 65 -14.46 -5.06 -10.76
CA HIS A 65 -15.68 -5.83 -10.49
C HIS A 65 -16.84 -4.87 -10.24
N THR A 66 -17.44 -4.38 -11.32
CA THR A 66 -18.56 -3.44 -11.27
C THR A 66 -19.86 -4.08 -10.81
N ASP A 67 -20.82 -3.25 -10.41
CA ASP A 67 -22.12 -3.75 -9.96
C ASP A 67 -23.16 -3.55 -11.08
N ASN A 68 -22.72 -3.82 -12.31
CA ASN A 68 -23.53 -3.74 -13.52
C ASN A 68 -24.61 -2.66 -13.64
N GLY A 69 -24.24 -1.42 -13.34
CA GLY A 69 -25.18 -0.32 -13.45
C GLY A 69 -24.76 0.45 -14.68
N SER A 70 -25.73 0.88 -15.50
CA SER A 70 -25.45 1.63 -16.73
C SER A 70 -24.13 2.41 -16.65
N ASN A 71 -23.89 3.02 -15.50
CA ASN A 71 -22.71 3.83 -15.22
C ASN A 71 -21.39 3.18 -15.60
N PHE A 72 -21.07 2.07 -14.96
CA PHE A 72 -19.82 1.35 -15.20
C PHE A 72 -19.87 0.45 -16.43
N THR A 73 -21.05 0.35 -17.04
CA THR A 73 -21.22 -0.49 -18.24
C THR A 73 -21.10 0.36 -19.49
N GLY A 74 -21.03 1.67 -19.32
CA GLY A 74 -20.91 2.58 -20.45
C GLY A 74 -19.87 2.14 -21.48
N ALA A 75 -19.72 2.92 -22.54
CA ALA A 75 -18.77 2.61 -23.59
C ALA A 75 -17.47 3.39 -23.40
N THR A 76 -17.59 4.68 -23.09
CA THR A 76 -16.43 5.52 -22.87
C THR A 76 -15.86 5.25 -21.48
N VAL A 77 -16.28 4.12 -20.92
CA VAL A 77 -15.85 3.65 -19.60
C VAL A 77 -14.86 2.50 -19.81
N ARG A 78 -15.25 1.56 -20.66
CA ARG A 78 -14.43 0.40 -20.99
C ARG A 78 -13.38 0.85 -22.00
N ALA A 79 -13.59 2.05 -22.56
CA ALA A 79 -12.67 2.62 -23.54
C ALA A 79 -11.43 3.13 -22.82
N ALA A 80 -11.56 3.34 -21.51
CA ALA A 80 -10.47 3.82 -20.69
C ALA A 80 -9.64 2.64 -20.15
N CYS A 81 -10.34 1.62 -19.65
CA CYS A 81 -9.68 0.44 -19.10
C CYS A 81 -8.62 -0.11 -20.04
N ASP A 82 -8.92 -0.12 -21.34
CA ASP A 82 -7.96 -0.62 -22.31
C ASP A 82 -6.72 0.26 -22.35
N TRP A 83 -6.91 1.55 -22.13
CA TRP A 83 -5.78 2.47 -22.14
C TRP A 83 -4.80 2.03 -21.07
N ALA A 84 -5.35 1.57 -19.94
CA ALA A 84 -4.55 1.10 -18.81
C ALA A 84 -4.22 -0.38 -18.98
N GLY A 85 -4.98 -1.23 -18.30
CA GLY A 85 -4.74 -2.65 -18.39
C GLY A 85 -5.68 -3.36 -17.45
N ILE A 86 -6.92 -2.90 -17.42
CA ILE A 86 -7.94 -3.48 -16.55
C ILE A 86 -8.74 -4.57 -17.26
N LYS A 87 -9.16 -5.57 -16.50
CA LYS A 87 -9.97 -6.65 -17.02
C LYS A 87 -11.31 -6.54 -16.32
N GLN A 88 -12.29 -7.31 -16.76
CA GLN A 88 -13.61 -7.29 -16.14
C GLN A 88 -14.20 -8.68 -16.17
N GLU A 89 -14.99 -9.02 -15.16
CA GLU A 89 -15.59 -10.35 -15.08
C GLU A 89 -17.10 -10.37 -14.79
N ASP A 90 -17.68 -11.55 -14.93
CA ASP A 90 -19.12 -11.77 -14.73
C ASP A 90 -19.63 -11.31 -13.36
N GLY A 91 -20.94 -11.19 -13.25
CA GLY A 91 -21.56 -10.74 -12.01
C GLY A 91 -21.83 -11.86 -11.03
N ILE A 92 -22.64 -11.56 -10.01
CA ILE A 92 -22.98 -12.53 -8.98
C ILE A 92 -23.75 -13.72 -9.56
N PRO A 96 -23.26 -13.75 -1.32
CA PRO A 96 -23.45 -13.53 0.12
C PRO A 96 -22.12 -13.50 0.89
N GLN A 97 -21.04 -13.80 0.17
CA GLN A 97 -19.70 -13.82 0.76
C GLN A 97 -18.84 -12.75 0.08
N SER A 98 -19.10 -12.52 -1.21
CA SER A 98 -18.37 -11.53 -2.00
C SER A 98 -19.24 -10.29 -2.21
N GLN A 99 -20.55 -10.50 -2.18
CA GLN A 99 -21.53 -9.43 -2.35
C GLN A 99 -21.24 -8.28 -1.40
N GLY A 100 -21.61 -8.45 -0.14
CA GLY A 100 -21.41 -7.44 0.88
C GLY A 100 -20.00 -6.91 1.06
N VAL A 101 -19.01 -7.57 0.45
CA VAL A 101 -17.63 -7.12 0.57
C VAL A 101 -17.49 -5.64 0.20
N VAL A 102 -18.37 -5.18 -0.70
CA VAL A 102 -18.35 -3.78 -1.15
C VAL A 102 -19.57 -3.00 -0.67
N GLU A 103 -20.69 -3.69 -0.45
CA GLU A 103 -21.91 -3.04 0.01
C GLU A 103 -21.86 -2.88 1.53
N SER A 104 -21.32 -3.87 2.22
CA SER A 104 -21.19 -3.80 3.66
C SER A 104 -20.12 -2.74 3.91
N MET A 105 -19.72 -2.09 2.83
CA MET A 105 -18.72 -1.04 2.86
C MET A 105 -19.44 0.28 2.62
N ASN A 106 -20.41 0.24 1.71
CA ASN A 106 -21.18 1.44 1.39
C ASN A 106 -21.84 2.00 2.63
N LYS A 107 -22.42 1.13 3.44
CA LYS A 107 -23.09 1.57 4.67
C LYS A 107 -22.04 1.79 5.77
N GLU A 108 -20.86 1.20 5.57
CA GLU A 108 -19.76 1.35 6.51
C GLU A 108 -19.20 2.75 6.29
N LEU A 109 -19.19 3.18 5.04
CA LEU A 109 -18.71 4.50 4.66
C LEU A 109 -19.75 5.52 5.11
N LYS A 110 -21.02 5.15 4.98
CA LYS A 110 -22.10 6.01 5.38
C LYS A 110 -22.13 6.20 6.89
N LYS A 111 -22.13 5.10 7.62
CA LYS A 111 -22.14 5.17 9.09
C LYS A 111 -21.06 6.14 9.60
N ILE A 112 -19.95 6.22 8.86
CA ILE A 112 -18.86 7.11 9.23
C ILE A 112 -19.13 8.55 8.78
N ILE A 113 -19.55 8.71 7.52
CA ILE A 113 -19.85 10.03 6.98
C ILE A 113 -20.80 10.81 7.88
N GLY A 114 -21.74 10.08 8.47
CA GLY A 114 -22.73 10.70 9.34
C GLY A 114 -22.21 11.18 10.68
N GLN A 115 -21.03 10.73 11.08
CA GLN A 115 -20.47 11.12 12.36
C GLN A 115 -19.53 12.33 12.21
N VAL A 116 -19.21 12.68 10.98
CA VAL A 116 -18.34 13.81 10.70
C VAL A 116 -19.04 14.85 9.83
N ARG A 117 -20.32 14.61 9.57
CA ARG A 117 -21.12 15.51 8.74
C ARG A 117 -21.25 16.90 9.34
N ASP A 118 -21.60 16.94 10.63
CA ASP A 118 -21.76 18.19 11.36
C ASP A 118 -20.42 18.90 11.54
N GLN A 119 -19.35 18.27 11.07
CA GLN A 119 -18.01 18.83 11.20
C GLN A 119 -17.50 19.36 9.87
N ALA A 120 -18.00 18.78 8.78
CA ALA A 120 -17.60 19.19 7.44
C ALA A 120 -18.52 20.29 6.90
N GLU A 121 -17.96 21.17 6.07
CA GLU A 121 -18.75 22.25 5.49
C GLU A 121 -19.32 21.90 4.11
N HIS A 122 -19.16 20.65 3.71
CA HIS A 122 -19.67 20.14 2.44
C HIS A 122 -19.83 18.63 2.61
N LEU A 123 -20.22 17.95 1.54
CA LEU A 123 -20.39 16.49 1.61
C LEU A 123 -19.04 15.84 1.41
N LYS A 124 -18.37 16.19 0.32
CA LYS A 124 -17.06 15.64 0.02
C LYS A 124 -16.17 15.60 1.27
N THR A 125 -15.94 16.76 1.87
CA THR A 125 -15.12 16.88 3.07
C THR A 125 -15.46 15.85 4.14
N ALA A 126 -16.73 15.47 4.23
CA ALA A 126 -17.13 14.47 5.21
C ALA A 126 -16.85 13.08 4.64
N VAL A 127 -17.05 12.91 3.33
CA VAL A 127 -16.80 11.63 2.69
C VAL A 127 -15.33 11.26 2.81
N GLN A 128 -14.44 12.18 2.40
CA GLN A 128 -13.02 11.94 2.49
C GLN A 128 -12.67 11.59 3.92
N MET A 129 -13.09 12.47 4.83
CA MET A 129 -12.85 12.28 6.26
C MET A 129 -13.21 10.86 6.67
N ALA A 130 -14.13 10.24 5.94
CA ALA A 130 -14.56 8.87 6.23
C ALA A 130 -13.58 7.92 5.55
N VAL A 131 -13.18 8.25 4.32
CA VAL A 131 -12.21 7.43 3.60
C VAL A 131 -11.01 7.30 4.54
N PHE A 132 -10.49 8.47 4.92
CA PHE A 132 -9.36 8.56 5.82
C PHE A 132 -9.58 7.71 7.08
N ILE A 133 -10.72 7.91 7.75
CA ILE A 133 -11.04 7.18 8.98
C ILE A 133 -11.11 5.65 8.86
N HIS A 134 -11.67 5.16 7.76
CA HIS A 134 -11.79 3.73 7.57
C HIS A 134 -10.44 3.09 7.24
N ASN A 135 -9.68 3.76 6.39
CA ASN A 135 -8.37 3.26 5.97
C ASN A 135 -7.32 3.24 7.06
N LYS A 136 -7.39 4.17 8.01
CA LYS A 136 -6.42 4.21 9.10
C LYS A 136 -6.91 3.40 10.30
N LYS A 137 -8.22 3.13 10.32
CA LYS A 137 -8.83 2.35 11.39
C LYS A 137 -8.18 0.99 11.47
N ARG A 138 -7.59 0.67 12.63
CA ARG A 138 -6.94 -0.62 12.80
C ARG A 138 -7.89 -1.73 13.21
N LYS A 139 -7.34 -2.88 13.58
CA LYS A 139 -8.14 -4.03 14.00
C LYS A 139 -7.70 -4.52 15.38
N GLY A 140 -7.64 -3.60 16.34
CA GLY A 140 -7.23 -3.93 17.70
C GLY A 140 -6.35 -2.88 18.34
N GLY A 141 -5.34 -3.32 19.07
CA GLY A 141 -4.41 -2.41 19.74
C GLY A 141 -3.01 -2.61 19.19
N ILE A 142 -2.37 -3.72 19.56
CA ILE A 142 -1.02 -4.03 19.08
C ILE A 142 -1.02 -5.38 18.35
N GLY A 143 -1.26 -5.31 17.05
CA GLY A 143 -1.30 -6.50 16.22
C GLY A 143 -2.08 -6.25 14.94
N GLY A 144 -3.40 -6.36 15.03
CA GLY A 144 -4.27 -6.15 13.87
C GLY A 144 -3.83 -5.02 12.96
N TYR A 145 -3.91 -5.28 11.65
CA TYR A 145 -3.54 -4.31 10.64
C TYR A 145 -4.74 -3.51 10.16
N SER A 146 -4.48 -2.46 9.39
CA SER A 146 -5.54 -1.64 8.84
C SER A 146 -5.61 -1.88 7.34
N ALA A 147 -6.64 -1.34 6.70
CA ALA A 147 -6.80 -1.52 5.27
C ALA A 147 -5.69 -0.83 4.47
N GLY A 148 -5.29 0.37 4.91
CA GLY A 148 -4.24 1.10 4.21
C GLY A 148 -2.92 0.36 4.28
N GLU A 149 -2.72 -0.37 5.37
CA GLU A 149 -1.50 -1.13 5.52
C GLU A 149 -1.60 -2.43 4.72
N ARG A 150 -2.58 -3.25 5.07
CA ARG A 150 -2.78 -4.50 4.35
C ARG A 150 -2.59 -4.34 2.84
N ILE A 151 -3.01 -3.21 2.28
CA ILE A 151 -2.89 -3.03 0.85
C ILE A 151 -1.46 -2.81 0.37
N VAL A 152 -0.63 -2.17 1.19
CA VAL A 152 0.76 -1.93 0.82
C VAL A 152 1.51 -3.24 0.98
N ASP A 153 1.18 -3.94 2.05
CA ASP A 153 1.80 -5.22 2.32
C ASP A 153 1.46 -6.19 1.18
N ILE A 154 0.17 -6.32 0.89
CA ILE A 154 -0.26 -7.21 -0.19
C ILE A 154 0.38 -6.82 -1.52
N ILE A 155 0.34 -5.54 -1.86
CA ILE A 155 0.93 -5.08 -3.11
C ILE A 155 2.46 -5.19 -3.11
N ALA A 156 3.09 -4.95 -1.97
CA ALA A 156 4.54 -5.03 -1.88
C ALA A 156 5.07 -6.48 -1.92
N THR A 157 4.52 -7.37 -1.10
CA THR A 157 5.02 -8.74 -1.11
C THR A 157 5.00 -9.27 -2.54
N ASP A 158 4.01 -8.85 -3.32
CA ASP A 158 3.89 -9.27 -4.71
C ASP A 158 5.08 -8.74 -5.52
N ILE A 159 5.14 -7.43 -5.68
CA ILE A 159 6.24 -6.78 -6.41
C ILE A 159 7.58 -7.50 -6.20
N GLN A 160 7.80 -7.97 -4.98
CA GLN A 160 9.06 -8.64 -4.64
C GLN A 160 8.96 -10.16 -4.48
N THR A 161 7.94 -10.76 -5.09
CA THR A 161 7.74 -12.20 -4.97
C THR A 161 7.42 -12.92 -6.28
N LYS A 162 6.62 -12.29 -7.13
CA LYS A 162 6.20 -12.85 -8.42
C LYS A 162 7.30 -13.35 -9.37
N GLU A 163 8.06 -12.42 -9.94
CA GLU A 163 9.12 -12.80 -10.87
C GLU A 163 10.22 -13.62 -10.26
N LEU A 164 9.89 -14.39 -9.22
CA LEU A 164 10.85 -15.23 -8.53
C LEU A 164 10.07 -16.50 -8.19
N GLN A 165 8.76 -16.35 -8.14
CA GLN A 165 7.86 -17.47 -7.86
C GLN A 165 7.49 -18.03 -9.23
N LYS A 166 7.64 -17.18 -10.23
CA LYS A 166 7.35 -17.57 -11.60
C LYS A 166 8.41 -18.57 -12.03
N GLN A 167 9.67 -18.27 -11.70
CA GLN A 167 10.76 -19.17 -12.08
C GLN A 167 10.60 -20.55 -11.46
N ILE A 168 10.47 -20.59 -10.15
CA ILE A 168 10.34 -21.84 -9.44
C ILE A 168 9.23 -22.71 -10.02
N THR A 169 8.06 -22.13 -10.20
CA THR A 169 6.93 -22.85 -10.78
C THR A 169 7.23 -23.37 -12.19
N LYS A 170 7.85 -22.52 -12.99
CA LYS A 170 8.19 -22.92 -14.34
C LYS A 170 9.05 -24.18 -14.29
N ILE A 171 10.20 -24.10 -13.65
CA ILE A 171 11.12 -25.23 -13.58
C ILE A 171 10.61 -26.45 -12.81
N GLN A 172 9.65 -26.27 -11.90
CA GLN A 172 9.19 -27.42 -11.16
C GLN A 172 8.07 -28.12 -11.88
N ASN A 173 7.57 -27.50 -12.94
CA ASN A 173 6.53 -28.12 -13.74
C ASN A 173 7.17 -29.28 -14.54
N PHE A 174 8.50 -29.37 -14.48
CA PHE A 174 9.25 -30.43 -15.15
C PHE A 174 9.47 -31.53 -14.14
N ARG A 175 8.85 -32.69 -14.36
CA ARG A 175 9.01 -33.80 -13.44
C ARG A 175 10.27 -34.59 -13.75
N VAL A 176 10.76 -35.35 -12.78
CA VAL A 176 11.97 -36.13 -12.97
C VAL A 176 11.94 -37.48 -12.27
N TYR A 177 12.63 -38.44 -12.86
CA TYR A 177 12.72 -39.77 -12.28
C TYR A 177 14.17 -40.03 -12.11
N TYR A 178 14.52 -40.61 -10.97
CA TYR A 178 15.91 -40.89 -10.71
C TYR A 178 16.03 -42.18 -9.92
N ARG A 179 17.26 -42.69 -9.89
CA ARG A 179 17.58 -43.86 -9.11
C ARG A 179 18.85 -43.44 -8.41
N ASP A 180 18.84 -43.42 -7.08
CA ASP A 180 20.02 -43.03 -6.31
C ASP A 180 21.23 -43.89 -6.60
N SER A 181 22.35 -43.25 -6.91
CA SER A 181 23.60 -43.92 -7.23
C SER A 181 23.86 -45.05 -6.25
N ARG A 182 24.37 -46.16 -6.77
CA ARG A 182 24.65 -47.35 -5.96
C ARG A 182 23.31 -47.90 -5.49
N ASN A 183 22.41 -48.11 -6.46
CA ASN A 183 21.07 -48.62 -6.23
C ASN A 183 20.33 -48.39 -7.54
N SER A 184 19.38 -49.27 -7.88
CA SER A 184 18.65 -49.13 -9.13
C SER A 184 17.13 -49.12 -9.06
N LEU A 185 16.57 -48.69 -7.93
CA LEU A 185 15.12 -48.60 -7.80
C LEU A 185 14.73 -47.17 -8.15
N TRP A 186 13.76 -47.00 -9.05
CA TRP A 186 13.37 -45.69 -9.49
C TRP A 186 12.45 -44.83 -8.64
N LYS A 187 13.02 -43.77 -8.09
CA LYS A 187 12.25 -42.85 -7.29
C LYS A 187 11.69 -41.84 -8.26
N GLY A 188 10.55 -41.24 -7.92
CA GLY A 188 9.98 -40.25 -8.80
C GLY A 188 8.48 -40.20 -8.76
N PRO A 189 7.86 -39.11 -9.24
CA PRO A 189 8.48 -37.92 -9.84
C PRO A 189 8.93 -36.82 -8.89
N ALA A 190 10.19 -36.44 -8.98
CA ALA A 190 10.69 -35.34 -8.17
C ALA A 190 10.33 -34.07 -8.94
N LYS A 191 10.62 -32.91 -8.37
CA LYS A 191 10.33 -31.68 -9.10
C LYS A 191 11.68 -31.11 -9.46
N LEU A 192 11.81 -30.61 -10.68
CA LEU A 192 13.10 -30.07 -11.13
C LEU A 192 13.41 -28.70 -10.58
N LEU A 193 14.66 -28.50 -10.19
CA LEU A 193 15.07 -27.19 -9.70
C LEU A 193 16.14 -26.59 -10.59
N TRP A 194 17.06 -27.42 -11.04
CA TRP A 194 18.13 -26.92 -11.86
C TRP A 194 18.69 -27.99 -12.78
N LYS A 195 18.93 -27.63 -14.03
CA LYS A 195 19.46 -28.59 -14.99
C LYS A 195 20.81 -28.17 -15.54
N GLY A 196 21.79 -29.04 -15.39
CA GLY A 196 23.12 -28.80 -15.90
C GLY A 196 23.51 -29.88 -16.90
N GLU A 197 24.70 -29.76 -17.47
CA GLU A 197 25.15 -30.75 -18.44
C GLU A 197 25.57 -32.06 -17.78
N GLY A 198 26.04 -31.98 -16.54
CA GLY A 198 26.49 -33.18 -15.85
C GLY A 198 25.59 -33.68 -14.74
N ALA A 199 24.70 -32.82 -14.25
CA ALA A 199 23.83 -33.25 -13.18
C ALA A 199 22.58 -32.42 -13.13
N VAL A 200 21.66 -32.89 -12.30
CA VAL A 200 20.38 -32.26 -12.08
C VAL A 200 20.11 -32.05 -10.58
N VAL A 201 19.41 -30.97 -10.24
CA VAL A 201 19.07 -30.76 -8.85
C VAL A 201 17.56 -30.84 -8.81
N ILE A 202 17.07 -31.71 -7.96
CA ILE A 202 15.64 -31.88 -7.86
C ILE A 202 15.17 -31.86 -6.40
N GLN A 203 13.91 -31.49 -6.21
CA GLN A 203 13.30 -31.55 -4.88
C GLN A 203 12.33 -32.72 -4.94
N ASP A 204 12.60 -33.78 -4.20
CA ASP A 204 11.69 -34.90 -4.24
C ASP A 204 10.57 -34.48 -3.30
N ASN A 205 10.68 -34.91 -2.05
CA ASN A 205 9.66 -34.43 -1.14
C ASN A 205 10.28 -33.42 -0.21
N SER A 206 10.88 -33.89 0.86
CA SER A 206 11.52 -33.01 1.81
C SER A 206 13.01 -33.02 1.56
N ASP A 207 13.43 -33.60 0.43
CA ASP A 207 14.86 -33.64 0.12
C ASP A 207 15.16 -32.85 -1.13
N ILE A 208 16.38 -32.38 -1.22
CA ILE A 208 16.83 -31.68 -2.40
C ILE A 208 17.96 -32.63 -2.78
N LYS A 209 17.82 -33.29 -3.91
CA LYS A 209 18.87 -34.21 -4.27
C LYS A 209 19.59 -33.72 -5.51
N VAL A 210 20.88 -33.97 -5.55
CA VAL A 210 21.73 -33.59 -6.67
C VAL A 210 22.02 -34.90 -7.34
N VAL A 211 21.34 -35.16 -8.46
CA VAL A 211 21.48 -36.39 -9.22
C VAL A 211 22.26 -36.30 -10.53
N PRO A 212 23.10 -37.29 -10.81
CA PRO A 212 23.87 -37.26 -12.06
C PRO A 212 22.88 -37.30 -13.25
N ARG A 213 23.33 -36.92 -14.42
CA ARG A 213 22.42 -36.91 -15.56
C ARG A 213 22.08 -38.31 -16.07
N ARG A 214 23.03 -39.23 -15.91
CA ARG A 214 22.86 -40.62 -16.31
C ARG A 214 21.88 -41.36 -15.40
N LYS A 215 21.51 -40.80 -14.26
CA LYS A 215 20.59 -41.50 -13.36
C LYS A 215 19.23 -40.82 -13.27
N ALA A 216 19.01 -39.84 -14.15
CA ALA A 216 17.76 -39.09 -14.18
C ALA A 216 17.09 -39.11 -15.55
N LYS A 217 15.79 -38.89 -15.55
CA LYS A 217 15.03 -38.83 -16.78
C LYS A 217 14.03 -37.69 -16.61
N ILE A 218 14.32 -36.53 -17.19
CA ILE A 218 13.43 -35.39 -17.08
C ILE A 218 12.29 -35.60 -18.06
N ILE A 219 11.07 -35.33 -17.62
CA ILE A 219 9.90 -35.52 -18.47
C ILE A 219 9.43 -34.28 -19.22
N ARG A 220 9.39 -34.44 -20.53
CA ARG A 220 8.97 -33.44 -21.51
C ARG A 220 8.09 -32.30 -20.99
N ASP A 221 6.83 -32.60 -20.65
CA ASP A 221 5.93 -31.57 -20.16
C ASP A 221 5.63 -31.75 -18.66
N ASP B 6 8.21 17.15 10.92
CA ASP B 6 9.63 17.05 11.38
C ASP B 6 10.37 15.97 10.58
N SER B 7 10.59 14.83 11.23
CA SER B 7 11.28 13.71 10.61
C SER B 7 10.44 12.44 10.70
N SER B 8 9.74 12.12 9.62
CA SER B 8 8.88 10.93 9.56
C SER B 8 8.83 10.45 8.11
N PRO B 9 9.24 9.18 7.87
CA PRO B 9 9.26 8.57 6.54
C PRO B 9 8.23 9.15 5.58
N GLY B 10 7.00 9.30 6.05
CA GLY B 10 5.96 9.86 5.23
C GLY B 10 6.16 11.34 4.96
N ILE B 11 7.19 11.67 4.18
CA ILE B 11 7.50 13.05 3.83
C ILE B 11 7.13 13.37 2.40
N TRP B 12 6.30 14.38 2.21
CA TRP B 12 5.87 14.80 0.88
C TRP B 12 6.16 16.28 0.64
N GLN B 13 6.27 16.66 -0.63
CA GLN B 13 6.51 18.05 -1.03
C GLN B 13 5.40 18.54 -1.94
N LEU B 14 4.50 19.33 -1.39
CA LEU B 14 3.36 19.88 -2.15
C LEU B 14 3.74 21.21 -2.80
N ASP B 15 3.35 21.38 -4.06
CA ASP B 15 3.65 22.60 -4.79
C ASP B 15 2.62 22.92 -5.88
N CYS B 16 2.51 24.19 -6.21
CA CYS B 16 1.59 24.63 -7.24
C CYS B 16 2.37 24.95 -8.51
N THR B 17 1.91 24.37 -9.62
CA THR B 17 2.51 24.56 -10.92
C THR B 17 1.45 25.19 -11.80
N HIS B 18 1.86 25.96 -12.81
CA HIS B 18 0.86 26.59 -13.68
C HIS B 18 0.97 26.23 -15.15
N LEU B 19 -0.19 26.14 -15.79
CA LEU B 19 -0.28 25.78 -17.19
C LEU B 19 -1.76 25.85 -17.59
N GLU B 20 -2.03 26.28 -18.82
CA GLU B 20 -3.40 26.39 -19.32
C GLU B 20 -4.19 27.42 -18.50
N GLY B 21 -3.50 28.48 -18.09
CA GLY B 21 -4.15 29.51 -17.30
C GLY B 21 -4.73 28.92 -16.03
N LYS B 22 -4.26 27.72 -15.70
CA LYS B 22 -4.71 27.01 -14.52
C LYS B 22 -3.53 26.67 -13.63
N VAL B 23 -3.81 26.04 -12.48
CA VAL B 23 -2.76 25.66 -11.55
C VAL B 23 -2.95 24.19 -11.12
N ILE B 24 -1.85 23.45 -11.10
CA ILE B 24 -1.87 22.04 -10.73
C ILE B 24 -1.18 21.84 -9.39
N LEU B 25 -1.94 21.38 -8.40
CA LEU B 25 -1.38 21.13 -7.09
C LEU B 25 -0.57 19.84 -7.26
N VAL B 26 0.71 19.89 -6.88
CA VAL B 26 1.58 18.73 -7.03
C VAL B 26 2.15 18.15 -5.73
N ALA B 27 1.93 16.85 -5.56
CA ALA B 27 2.40 16.12 -4.39
C ALA B 27 3.43 15.10 -4.84
N VAL B 28 4.56 15.04 -4.14
CA VAL B 28 5.61 14.10 -4.50
C VAL B 28 6.23 13.43 -3.29
N HIS B 29 6.19 12.09 -3.27
CA HIS B 29 6.77 11.35 -2.18
C HIS B 29 8.28 11.31 -2.38
N VAL B 30 8.99 12.07 -1.55
CA VAL B 30 10.45 12.18 -1.63
C VAL B 30 11.14 10.84 -1.86
N ALA B 31 11.35 10.09 -0.78
CA ALA B 31 12.02 8.79 -0.83
C ALA B 31 11.63 7.94 -2.04
N SER B 32 10.36 7.97 -2.39
CA SER B 32 9.86 7.19 -3.51
C SER B 32 10.23 7.76 -4.87
N GLY B 33 9.64 8.91 -5.18
CA GLY B 33 9.84 9.55 -6.46
C GLY B 33 8.49 9.50 -7.11
N TYR B 34 7.54 8.97 -6.35
CA TYR B 34 6.15 8.81 -6.75
C TYR B 34 5.42 10.15 -6.64
N ILE B 35 4.59 10.42 -7.65
CA ILE B 35 3.85 11.67 -7.72
C ILE B 35 2.34 11.45 -7.72
N GLU B 36 1.61 12.55 -7.58
CA GLU B 36 0.16 12.53 -7.58
C GLU B 36 -0.28 14.00 -7.69
N ALA B 37 -0.70 14.40 -8.89
CA ALA B 37 -1.12 15.77 -9.11
C ALA B 37 -2.59 15.92 -9.48
N GLU B 38 -3.05 17.16 -9.47
CA GLU B 38 -4.43 17.50 -9.79
C GLU B 38 -4.52 18.98 -10.20
N VAL B 39 -5.58 19.32 -10.94
CA VAL B 39 -5.79 20.70 -11.38
C VAL B 39 -6.76 21.35 -10.39
N ILE B 40 -6.25 22.24 -9.54
CA ILE B 40 -7.11 22.91 -8.57
C ILE B 40 -7.61 24.26 -9.10
N PRO B 41 -8.93 24.47 -9.07
CA PRO B 41 -9.58 25.70 -9.55
C PRO B 41 -8.94 26.92 -8.90
N ALA B 42 -9.38 27.21 -7.69
CA ALA B 42 -8.85 28.33 -6.94
C ALA B 42 -7.58 27.87 -6.22
N GLU B 43 -6.47 28.57 -6.45
CA GLU B 43 -5.21 28.21 -5.80
C GLU B 43 -5.24 28.72 -4.37
N THR B 44 -6.43 28.77 -3.79
CA THR B 44 -6.64 29.26 -2.43
C THR B 44 -6.13 28.26 -1.38
N GLY B 45 -6.17 28.68 -0.13
CA GLY B 45 -5.71 27.83 0.96
C GLY B 45 -6.71 26.74 1.30
N GLN B 46 -7.79 26.67 0.54
CA GLN B 46 -8.83 25.66 0.77
C GLN B 46 -8.72 24.50 -0.22
N GLU B 47 -8.46 24.80 -1.49
CA GLU B 47 -8.34 23.75 -2.50
C GLU B 47 -7.13 22.89 -2.25
N THR B 48 -6.05 23.51 -1.76
CA THR B 48 -4.83 22.79 -1.44
C THR B 48 -5.17 21.84 -0.29
N ALA B 49 -5.80 22.40 0.74
CA ALA B 49 -6.19 21.63 1.93
C ALA B 49 -7.05 20.41 1.61
N TYR B 50 -8.00 20.55 0.69
CA TYR B 50 -8.85 19.41 0.33
C TYR B 50 -7.93 18.35 -0.24
N PHE B 51 -7.06 18.78 -1.16
CA PHE B 51 -6.10 17.90 -1.79
C PHE B 51 -5.34 17.04 -0.78
N LEU B 52 -5.12 17.57 0.43
CA LEU B 52 -4.44 16.81 1.46
C LEU B 52 -5.36 15.77 2.09
N LEU B 53 -6.60 16.16 2.33
CA LEU B 53 -7.55 15.25 2.95
C LEU B 53 -7.65 13.94 2.19
N LYS B 54 -7.68 14.02 0.85
CA LYS B 54 -7.75 12.80 0.04
C LYS B 54 -6.46 12.01 0.23
N LEU B 55 -5.36 12.62 -0.23
CA LEU B 55 -4.02 12.03 -0.13
C LEU B 55 -3.80 11.37 1.23
N ALA B 56 -3.90 12.16 2.30
CA ALA B 56 -3.68 11.68 3.66
C ALA B 56 -4.53 10.48 4.05
N GLY B 57 -5.68 10.32 3.40
CA GLY B 57 -6.53 9.20 3.72
C GLY B 57 -6.18 7.99 2.90
N ARG B 58 -5.41 8.20 1.85
CA ARG B 58 -4.99 7.13 0.96
C ARG B 58 -3.57 6.63 1.27
N TRP B 59 -2.62 7.55 1.30
CA TRP B 59 -1.23 7.19 1.61
C TRP B 59 -0.89 7.75 2.97
N PRO B 60 0.13 7.17 3.62
CA PRO B 60 0.46 7.74 4.92
C PRO B 60 1.27 9.02 4.72
N VAL B 61 0.67 10.15 5.12
CA VAL B 61 1.32 11.45 5.01
C VAL B 61 1.55 12.00 6.43
N LYS B 62 2.77 11.88 6.93
CA LYS B 62 3.08 12.36 8.29
C LYS B 62 3.65 13.78 8.35
N THR B 63 4.24 14.23 7.25
CA THR B 63 4.83 15.55 7.21
C THR B 63 4.91 16.04 5.78
N ILE B 64 4.76 17.35 5.59
CA ILE B 64 4.83 17.91 4.25
C ILE B 64 5.68 19.18 4.23
N HIS B 65 6.15 19.54 3.05
CA HIS B 65 6.95 20.75 2.85
C HIS B 65 6.10 21.71 2.02
N THR B 66 6.42 23.00 2.06
CA THR B 66 5.67 24.00 1.29
C THR B 66 6.56 25.12 0.78
N ASP B 67 6.21 25.70 -0.37
CA ASP B 67 6.98 26.80 -0.94
C ASP B 67 6.34 28.15 -0.61
N ASN B 68 6.23 28.42 0.68
CA ASN B 68 5.66 29.65 1.23
C ASN B 68 4.27 30.07 0.75
N GLY B 69 3.96 29.78 -0.50
CA GLY B 69 2.66 30.13 -1.08
C GLY B 69 1.54 30.33 -0.08
N SER B 70 0.77 31.39 -0.28
CA SER B 70 -0.35 31.72 0.60
C SER B 70 -1.25 30.52 0.88
N ASN B 71 -1.50 29.72 -0.15
CA ASN B 71 -2.33 28.53 -0.05
C ASN B 71 -1.65 27.40 0.70
N PHE B 72 -0.43 27.66 1.20
CA PHE B 72 0.32 26.68 1.96
C PHE B 72 0.54 27.10 3.42
N THR B 73 1.18 28.26 3.63
CA THR B 73 1.45 28.75 4.97
C THR B 73 0.21 29.26 5.68
N GLY B 74 -0.86 29.50 4.92
CA GLY B 74 -2.11 29.97 5.51
C GLY B 74 -2.62 29.00 6.56
N ALA B 75 -3.50 29.48 7.43
CA ALA B 75 -4.06 28.64 8.47
C ALA B 75 -5.26 27.84 7.96
N THR B 76 -5.59 28.03 6.68
CA THR B 76 -6.70 27.32 6.07
C THR B 76 -6.29 25.85 5.97
N VAL B 77 -5.03 25.64 5.61
CA VAL B 77 -4.47 24.30 5.51
C VAL B 77 -4.34 23.71 6.91
N ARG B 78 -3.62 24.44 7.77
CA ARG B 78 -3.38 24.05 9.16
C ARG B 78 -4.52 23.24 9.79
N ALA B 79 -5.76 23.56 9.41
CA ALA B 79 -6.93 22.86 9.95
C ALA B 79 -6.86 21.35 9.66
N ALA B 80 -6.77 21.01 8.38
CA ALA B 80 -6.70 19.61 7.95
C ALA B 80 -5.43 18.96 8.50
N CYS B 81 -4.28 19.56 8.20
CA CYS B 81 -2.99 19.05 8.67
C CYS B 81 -3.04 18.71 10.15
N ASP B 82 -3.93 19.37 10.88
CA ASP B 82 -4.06 19.12 12.30
C ASP B 82 -4.95 17.90 12.51
N TRP B 83 -5.94 17.77 11.63
CA TRP B 83 -6.91 16.69 11.69
C TRP B 83 -6.28 15.34 11.32
N ALA B 84 -5.36 15.36 10.35
CA ALA B 84 -4.69 14.16 9.88
C ALA B 84 -3.34 13.90 10.56
N GLY B 85 -2.92 14.80 11.44
CA GLY B 85 -1.65 14.63 12.12
C GLY B 85 -0.49 14.87 11.18
N ILE B 86 -0.68 15.78 10.23
CA ILE B 86 0.37 16.11 9.26
C ILE B 86 1.22 17.27 9.74
N LYS B 87 2.20 17.01 10.59
CA LYS B 87 3.06 18.07 11.10
C LYS B 87 3.56 18.91 9.94
N GLN B 88 3.59 20.23 10.15
CA GLN B 88 4.05 21.16 9.12
C GLN B 88 4.89 22.28 9.74
N VAL B 101 13.19 18.09 -4.31
CA VAL B 101 13.33 17.75 -5.72
C VAL B 101 11.98 17.86 -6.45
N VAL B 102 10.95 18.32 -5.73
CA VAL B 102 9.62 18.48 -6.32
C VAL B 102 9.74 19.34 -7.56
N GLU B 103 10.83 20.11 -7.61
CA GLU B 103 11.11 20.99 -8.74
C GLU B 103 11.34 20.12 -9.96
N SER B 104 12.38 19.30 -9.90
CA SER B 104 12.75 18.40 -10.98
C SER B 104 11.55 17.65 -11.55
N MET B 105 10.67 17.19 -10.66
CA MET B 105 9.48 16.45 -11.06
C MET B 105 8.48 17.32 -11.84
N ASN B 106 8.19 18.51 -11.33
CA ASN B 106 7.25 19.42 -11.99
C ASN B 106 7.48 19.53 -13.48
N LYS B 107 8.73 19.68 -13.88
CA LYS B 107 9.06 19.79 -15.29
C LYS B 107 8.72 18.46 -15.97
N GLU B 108 9.09 17.36 -15.31
CA GLU B 108 8.83 16.02 -15.83
C GLU B 108 7.33 15.85 -16.05
N LEU B 109 6.54 16.47 -15.18
CA LEU B 109 5.10 16.39 -15.26
C LEU B 109 4.64 16.93 -16.62
N LYS B 110 5.13 18.11 -16.98
CA LYS B 110 4.77 18.72 -18.27
C LYS B 110 5.34 17.91 -19.43
N LYS B 111 6.58 17.43 -19.27
CA LYS B 111 7.24 16.63 -20.30
C LYS B 111 6.31 15.53 -20.81
N ILE B 112 5.34 15.14 -19.98
CA ILE B 112 4.40 14.08 -20.34
C ILE B 112 2.99 14.58 -20.62
N ILE B 113 2.55 15.59 -19.87
CA ILE B 113 1.21 16.15 -20.04
C ILE B 113 0.93 16.54 -21.49
N GLY B 114 1.92 17.17 -22.13
CA GLY B 114 1.77 17.59 -23.51
C GLY B 114 1.71 16.46 -24.53
N GLN B 115 2.65 15.53 -24.43
CA GLN B 115 2.71 14.39 -25.34
C GLN B 115 1.40 13.63 -25.48
N VAL B 116 0.60 13.65 -24.41
CA VAL B 116 -0.67 12.96 -24.40
C VAL B 116 -1.85 13.87 -24.72
N ARG B 117 -1.65 15.17 -24.54
CA ARG B 117 -2.68 16.18 -24.78
C ARG B 117 -3.65 15.79 -25.89
N ASP B 118 -3.10 15.23 -26.97
CA ASP B 118 -3.92 14.81 -28.11
C ASP B 118 -4.50 13.41 -27.94
N GLN B 119 -5.06 13.14 -26.76
CA GLN B 119 -5.65 11.83 -26.48
C GLN B 119 -6.73 11.92 -25.42
N ALA B 120 -6.96 13.13 -24.91
CA ALA B 120 -7.95 13.35 -23.87
C ALA B 120 -8.78 14.63 -24.03
N GLU B 121 -9.81 14.75 -23.18
CA GLU B 121 -10.71 15.89 -23.19
C GLU B 121 -10.06 17.08 -22.46
N HIS B 122 -10.44 17.25 -21.19
CA HIS B 122 -9.91 18.33 -20.35
C HIS B 122 -8.41 18.18 -20.10
N LEU B 123 -7.82 19.19 -19.45
CA LEU B 123 -6.40 19.17 -19.12
C LEU B 123 -6.20 18.21 -17.94
N LYS B 124 -7.18 18.23 -17.03
CA LYS B 124 -7.16 17.38 -15.86
C LYS B 124 -6.79 15.95 -16.27
N THR B 125 -7.52 15.41 -17.25
CA THR B 125 -7.26 14.06 -17.72
C THR B 125 -5.82 13.95 -18.22
N ALA B 126 -5.35 14.98 -18.92
CA ALA B 126 -3.98 14.98 -19.44
C ALA B 126 -3.05 14.90 -18.25
N VAL B 127 -3.40 15.64 -17.20
CA VAL B 127 -2.61 15.68 -15.97
C VAL B 127 -2.46 14.30 -15.35
N GLN B 128 -3.59 13.61 -15.16
CA GLN B 128 -3.56 12.29 -14.56
C GLN B 128 -2.84 11.28 -15.45
N MET B 129 -3.22 11.23 -16.73
CA MET B 129 -2.60 10.31 -17.68
C MET B 129 -1.08 10.48 -17.64
N ALA B 130 -0.62 11.72 -17.47
CA ALA B 130 0.81 12.01 -17.40
C ALA B 130 1.41 11.41 -16.14
N VAL B 131 0.63 11.42 -15.06
CA VAL B 131 1.05 10.85 -13.78
C VAL B 131 1.19 9.35 -13.99
N PHE B 132 0.06 8.72 -14.31
CA PHE B 132 0.00 7.28 -14.56
C PHE B 132 1.19 6.81 -15.39
N ILE B 133 1.67 7.68 -16.28
CA ILE B 133 2.81 7.35 -17.13
C ILE B 133 4.16 7.45 -16.43
N HIS B 134 4.27 8.39 -15.48
CA HIS B 134 5.51 8.58 -14.74
C HIS B 134 5.68 7.61 -13.57
N ASN B 135 4.56 7.18 -12.99
CA ASN B 135 4.62 6.25 -11.87
C ASN B 135 4.95 4.84 -12.35
N LYS B 136 4.23 4.37 -13.37
CA LYS B 136 4.47 3.03 -13.90
C LYS B 136 5.82 3.04 -14.63
N LYS B 137 6.25 4.23 -15.04
CA LYS B 137 7.52 4.41 -15.73
C LYS B 137 8.68 3.80 -14.95
N ARG B 138 9.17 2.65 -15.40
CA ARG B 138 10.27 1.98 -14.73
C ARG B 138 11.60 2.70 -14.92
N LYS B 139 12.64 2.17 -14.29
CA LYS B 139 13.97 2.76 -14.37
C LYS B 139 14.90 1.90 -15.23
N GLY B 140 14.45 1.57 -16.43
CA GLY B 140 15.24 0.76 -17.34
C GLY B 140 14.98 -0.73 -17.21
N GLY B 141 16.04 -1.50 -16.93
CA GLY B 141 15.91 -2.94 -16.80
C GLY B 141 17.19 -3.61 -16.30
N ILE B 142 17.42 -3.53 -15.00
CA ILE B 142 18.61 -4.13 -14.37
C ILE B 142 18.31 -4.41 -12.90
N GLY B 143 17.02 -4.42 -12.56
CA GLY B 143 16.59 -4.66 -11.20
C GLY B 143 15.91 -3.41 -10.69
N GLY B 144 15.76 -2.43 -11.59
CA GLY B 144 15.13 -1.16 -11.24
C GLY B 144 13.61 -1.20 -11.23
N TYR B 145 13.05 -0.65 -10.17
CA TYR B 145 11.60 -0.59 -9.98
C TYR B 145 11.02 0.68 -10.60
N SER B 146 9.76 0.96 -10.26
CA SER B 146 9.07 2.16 -10.73
C SER B 146 8.56 2.84 -9.47
N ALA B 147 8.45 4.16 -9.49
CA ALA B 147 7.97 4.92 -8.34
C ALA B 147 6.76 4.27 -7.68
N GLY B 148 5.89 3.70 -8.51
CA GLY B 148 4.70 3.06 -7.98
C GLY B 148 5.06 1.85 -7.14
N GLU B 149 6.25 1.32 -7.37
CA GLU B 149 6.72 0.16 -6.64
C GLU B 149 7.61 0.56 -5.45
N ARG B 150 8.55 1.47 -5.69
CA ARG B 150 9.43 1.93 -4.62
C ARG B 150 8.63 2.46 -3.44
N ILE B 151 7.59 3.24 -3.73
CA ILE B 151 6.78 3.81 -2.65
C ILE B 151 6.16 2.70 -1.82
N VAL B 152 5.50 1.75 -2.49
CA VAL B 152 4.88 0.61 -1.82
C VAL B 152 5.91 -0.19 -1.00
N ASP B 153 7.11 -0.40 -1.55
CA ASP B 153 8.15 -1.14 -0.83
C ASP B 153 8.53 -0.40 0.42
N ILE B 154 8.93 0.86 0.22
CA ILE B 154 9.38 1.75 1.29
C ILE B 154 8.37 1.82 2.43
N ILE B 155 7.10 2.01 2.10
CA ILE B 155 6.08 2.08 3.14
C ILE B 155 5.84 0.71 3.78
N ALA B 156 5.85 -0.34 2.98
CA ALA B 156 5.66 -1.67 3.51
C ALA B 156 6.73 -1.95 4.57
N THR B 157 7.95 -1.50 4.35
CA THR B 157 8.98 -1.77 5.34
C THR B 157 8.84 -0.85 6.54
N ASP B 158 8.33 0.35 6.33
CA ASP B 158 8.14 1.28 7.44
C ASP B 158 7.07 0.72 8.37
N ILE B 159 6.05 0.10 7.81
CA ILE B 159 5.00 -0.50 8.63
C ILE B 159 5.63 -1.62 9.45
N GLN B 160 6.53 -2.38 8.81
CA GLN B 160 7.19 -3.47 9.51
C GLN B 160 8.14 -2.96 10.60
N THR B 161 8.77 -1.81 10.37
CA THR B 161 9.70 -1.27 11.34
C THR B 161 8.94 -0.78 12.57
N LYS B 162 7.86 -0.05 12.35
CA LYS B 162 7.01 0.43 13.43
C LYS B 162 6.48 -0.77 14.22
N GLU B 163 6.08 -1.81 13.51
CA GLU B 163 5.56 -3.02 14.12
C GLU B 163 6.51 -3.57 15.17
N LEU B 164 7.78 -3.70 14.81
CA LEU B 164 8.78 -4.20 15.75
C LEU B 164 8.96 -3.20 16.90
N GLN B 165 8.87 -1.90 16.60
CA GLN B 165 9.01 -0.84 17.60
C GLN B 165 7.98 -0.99 18.70
N LYS B 166 6.70 -0.98 18.31
CA LYS B 166 5.61 -1.11 19.27
C LYS B 166 5.80 -2.43 19.98
N GLN B 167 6.30 -3.41 19.25
CA GLN B 167 6.53 -4.73 19.79
C GLN B 167 7.50 -4.66 20.95
N ILE B 168 8.49 -3.78 20.83
CA ILE B 168 9.50 -3.64 21.87
C ILE B 168 9.06 -2.77 23.02
N THR B 169 8.39 -1.67 22.72
CA THR B 169 7.92 -0.80 23.77
C THR B 169 6.83 -1.50 24.59
N LYS B 170 6.07 -2.38 23.95
CA LYS B 170 5.03 -3.09 24.68
C LYS B 170 5.66 -3.99 25.72
N ILE B 171 6.75 -4.65 25.34
CA ILE B 171 7.46 -5.55 26.23
C ILE B 171 8.23 -4.77 27.32
N GLN B 172 8.60 -3.53 27.02
CA GLN B 172 9.30 -2.66 27.95
C GLN B 172 8.34 -2.30 29.09
N ASN B 173 7.05 -2.31 28.79
CA ASN B 173 6.02 -1.99 29.77
C ASN B 173 6.11 -2.82 31.03
N PHE B 174 6.68 -4.00 30.93
CA PHE B 174 6.83 -4.85 32.10
C PHE B 174 8.15 -4.43 32.71
N ARG B 175 8.12 -4.11 33.99
CA ARG B 175 9.32 -3.68 34.68
C ARG B 175 9.91 -4.78 35.53
N VAL B 176 11.22 -4.77 35.65
CA VAL B 176 11.92 -5.79 36.43
C VAL B 176 12.83 -5.24 37.54
N TYR B 177 12.87 -5.97 38.64
CA TYR B 177 13.74 -5.65 39.74
C TYR B 177 14.61 -6.90 39.71
N TYR B 178 15.87 -6.82 40.11
CA TYR B 178 16.73 -8.01 40.06
C TYR B 178 17.93 -7.80 40.97
N ARG B 179 18.71 -8.86 41.19
CA ARG B 179 19.90 -8.76 42.01
C ARG B 179 20.95 -9.81 41.63
N ASP B 180 21.64 -10.35 42.63
CA ASP B 180 22.67 -11.38 42.40
C ASP B 180 22.57 -12.47 43.46
N SER B 181 23.40 -12.34 44.48
CA SER B 181 23.43 -13.30 45.57
C SER B 181 22.29 -12.95 46.52
N ARG B 182 21.95 -13.86 47.43
CA ARG B 182 20.90 -13.63 48.41
C ARG B 182 21.44 -12.63 49.42
N ASN B 183 22.54 -11.97 49.05
CA ASN B 183 23.21 -10.98 49.88
C ASN B 183 23.31 -9.64 49.14
N SER B 184 22.87 -9.63 47.89
CA SER B 184 22.90 -8.41 47.06
C SER B 184 21.59 -7.66 47.15
N LEU B 185 21.54 -6.48 46.53
CA LEU B 185 20.37 -5.62 46.52
C LEU B 185 19.57 -5.65 45.22
N TRP B 186 18.26 -5.52 45.34
CA TRP B 186 17.38 -5.49 44.17
C TRP B 186 17.52 -4.10 43.53
N LYS B 187 17.71 -4.06 42.21
CA LYS B 187 17.84 -2.80 41.49
C LYS B 187 16.64 -2.63 40.55
N GLY B 188 16.47 -1.42 40.02
CA GLY B 188 15.35 -1.19 39.12
C GLY B 188 14.39 -0.07 39.48
N PRO B 189 13.22 0.00 38.83
CA PRO B 189 12.71 -0.89 37.77
C PRO B 189 13.35 -0.80 36.38
N ALA B 190 14.04 -1.87 35.97
CA ALA B 190 14.63 -1.91 34.63
C ALA B 190 13.52 -2.30 33.64
N LYS B 191 13.81 -2.30 32.36
CA LYS B 191 12.79 -2.67 31.37
C LYS B 191 13.03 -4.08 30.81
N LEU B 192 11.98 -4.90 30.77
CA LEU B 192 12.09 -6.27 30.25
C LEU B 192 12.38 -6.25 28.76
N LEU B 193 13.31 -7.08 28.32
CA LEU B 193 13.62 -7.15 26.89
C LEU B 193 13.18 -8.48 26.29
N TRP B 194 13.57 -9.58 26.94
CA TRP B 194 13.25 -10.92 26.47
C TRP B 194 13.09 -11.82 27.68
N LYS B 195 12.40 -12.93 27.51
CA LYS B 195 12.16 -13.84 28.61
C LYS B 195 12.17 -15.24 28.00
N GLY B 196 13.08 -16.09 28.45
CA GLY B 196 13.17 -17.44 27.93
C GLY B 196 14.36 -18.18 28.50
N GLU B 197 14.40 -19.50 28.28
CA GLU B 197 15.49 -20.34 28.73
C GLU B 197 15.90 -20.17 30.15
N GLY B 198 14.92 -19.98 31.03
CA GLY B 198 15.20 -19.84 32.45
C GLY B 198 15.78 -18.50 32.88
N ALA B 199 15.98 -17.59 31.93
CA ALA B 199 16.53 -16.31 32.26
C ALA B 199 15.64 -15.18 31.79
N VAL B 200 16.01 -13.98 32.19
CA VAL B 200 15.32 -12.76 31.79
C VAL B 200 16.41 -11.87 31.20
N VAL B 201 16.10 -11.14 30.15
CA VAL B 201 17.12 -10.23 29.64
C VAL B 201 16.54 -8.86 29.81
N ILE B 202 17.20 -8.06 30.64
CA ILE B 202 16.72 -6.71 30.86
C ILE B 202 17.74 -5.65 30.44
N GLN B 203 17.23 -4.45 30.14
CA GLN B 203 18.08 -3.30 29.82
C GLN B 203 18.03 -2.44 31.08
N ASP B 204 19.07 -2.44 31.91
CA ASP B 204 19.00 -1.64 33.15
C ASP B 204 19.05 -0.15 32.96
N ASN B 205 19.60 0.28 31.83
CA ASN B 205 19.71 1.69 31.49
C ASN B 205 20.46 1.74 30.18
N SER B 206 21.74 1.37 30.24
CA SER B 206 22.59 1.34 29.06
C SER B 206 23.23 -0.03 29.02
N ASP B 207 22.82 -0.88 29.95
CA ASP B 207 23.33 -2.24 30.02
C ASP B 207 22.25 -3.24 29.67
N ILE B 208 22.63 -4.27 28.92
CA ILE B 208 21.72 -5.36 28.56
C ILE B 208 22.11 -6.48 29.52
N LYS B 209 21.32 -6.70 30.57
CA LYS B 209 21.71 -7.73 31.52
C LYS B 209 20.86 -8.99 31.40
N VAL B 210 21.49 -10.12 31.70
CA VAL B 210 20.82 -11.41 31.67
C VAL B 210 20.82 -11.93 33.10
N VAL B 211 19.64 -12.06 33.67
CA VAL B 211 19.52 -12.55 35.04
C VAL B 211 18.71 -13.86 35.19
N PRO B 212 19.06 -14.70 36.17
CA PRO B 212 18.31 -15.95 36.38
C PRO B 212 16.89 -15.58 36.75
N ARG B 213 15.92 -16.30 36.22
CA ARG B 213 14.51 -16.03 36.48
C ARG B 213 14.22 -15.84 37.97
N ARG B 214 14.96 -16.54 38.83
CA ARG B 214 14.75 -16.42 40.28
C ARG B 214 15.18 -15.06 40.79
N LYS B 215 16.30 -14.57 40.30
CA LYS B 215 16.81 -13.26 40.71
C LYS B 215 16.09 -12.17 39.92
N ALA B 216 14.78 -12.30 39.75
CA ALA B 216 14.04 -11.29 39.00
C ALA B 216 12.57 -11.26 39.35
N LYS B 217 11.99 -10.07 39.28
CA LYS B 217 10.58 -9.90 39.56
C LYS B 217 9.97 -8.96 38.55
N ILE B 218 8.96 -9.45 37.84
CA ILE B 218 8.29 -8.66 36.82
C ILE B 218 6.93 -8.14 37.29
N ILE B 219 6.55 -6.97 36.79
CA ILE B 219 5.27 -6.36 37.15
C ILE B 219 4.76 -5.51 36.00
N ARG B 220 3.49 -5.64 35.65
CA ARG B 220 2.94 -4.84 34.57
C ARG B 220 2.85 -3.40 35.03
N ASP B 221 3.31 -2.48 34.19
CA ASP B 221 3.27 -1.05 34.52
C ASP B 221 1.85 -0.50 34.34
#